data_1ADV
#
_entry.id   1ADV
#
_cell.length_a   61.370
_cell.length_b   89.580
_cell.length_c   149.770
_cell.angle_alpha   90.00
_cell.angle_beta   90.00
_cell.angle_gamma   90.00
#
_symmetry.space_group_name_H-M   'P 21 21 21'
#
loop_
_entity.id
_entity.type
_entity.pdbx_description
1 polymer 'ADENOVIRUS SINGLE-STRANDED DNA-BINDING PROTEIN'
2 non-polymer 'ZINC ION'
#
_entity_poly.entity_id   1
_entity_poly.type   'polypeptide(L)'
_entity_poly.pdbx_seq_one_letter_code
;SVPIVSAWEKGMEAARALMDKYHVDNDLKANFKLLPDQVEALAAVCKTWLNEEHRGLQLTFTSNKTFVTMMGRFLQAYLQ
SFAEVTYKHHEPTGCALWLHRCAEIEGELKCLHGSIMINKEHVIEMDVTSENGQRALKEQSSKAKIVKNRWGRNVVQISN
TDARCCVHDAACPANQFSGKSCGMFFSEGAKAQVAFKQIKAFMQALYPNAQTGHGHLLMPLRCECNSKPGHAPFLGRQLP
KLTPFALSNAEDLDADLISDKSVLASVHHPALIVFQCCNPVYRNSRAQGGGPNCDFKISAPDLLNALVMVRSLWSENFTE
LPRMVVPEFKWSTKHQYRNVSLPVAHSDARQNPFDF
;
_entity_poly.pdbx_strand_id   A,B
#
loop_
_chem_comp.id
_chem_comp.type
_chem_comp.name
_chem_comp.formula
ZN non-polymer 'ZINC ION' 'Zn 2'
#
# COMPACT_ATOMS: atom_id res chain seq x y z
N ALA A 7 10.33 -12.23 35.89
CA ALA A 7 9.06 -12.84 35.36
C ALA A 7 8.03 -11.74 35.11
N TRP A 8 6.99 -12.10 34.35
CA TRP A 8 5.91 -11.18 34.03
C TRP A 8 5.35 -10.58 35.32
N GLU A 9 5.21 -11.41 36.35
CA GLU A 9 4.70 -10.93 37.65
C GLU A 9 5.69 -9.92 38.24
N LYS A 10 6.98 -10.22 38.10
CA LYS A 10 8.06 -9.37 38.60
C LYS A 10 7.98 -7.97 37.98
N GLY A 11 7.81 -7.93 36.67
CA GLY A 11 7.71 -6.67 35.98
C GLY A 11 6.39 -6.01 36.31
N MET A 12 5.36 -6.81 36.56
CA MET A 12 4.05 -6.28 36.89
C MET A 12 4.09 -5.45 38.15
N GLU A 13 4.85 -5.93 39.14
CA GLU A 13 4.99 -5.21 40.41
C GLU A 13 5.62 -3.85 40.15
N ALA A 14 6.72 -3.87 39.41
CA ALA A 14 7.46 -2.66 39.05
C ALA A 14 6.59 -1.76 38.20
N ALA A 15 5.71 -2.36 37.41
CA ALA A 15 4.83 -1.60 36.55
C ALA A 15 3.77 -0.90 37.38
N ARG A 16 3.24 -1.62 38.35
CA ARG A 16 2.20 -1.11 39.26
C ARG A 16 2.67 0.15 39.96
N ALA A 17 3.81 0.04 40.63
CA ALA A 17 4.38 1.16 41.38
C ALA A 17 4.40 2.47 40.60
N LEU A 18 5.15 2.46 39.52
CA LEU A 18 5.30 3.66 38.69
C LEU A 18 3.95 4.29 38.35
N MET A 19 2.96 3.45 38.06
CA MET A 19 1.61 3.94 37.72
C MET A 19 0.91 4.60 38.92
N ASP A 20 1.11 4.04 40.12
CA ASP A 20 0.49 4.60 41.31
C ASP A 20 1.14 5.96 41.61
N LYS A 21 2.45 5.96 41.83
CA LYS A 21 3.24 7.17 42.13
C LYS A 21 2.87 8.38 41.28
N TYR A 22 2.96 8.20 39.96
CA TYR A 22 2.67 9.25 39.01
C TYR A 22 1.22 9.28 38.54
N HIS A 23 0.36 8.74 39.40
CA HIS A 23 -1.09 8.67 39.20
C HIS A 23 -1.60 8.49 37.78
N VAL A 24 -1.61 7.24 37.34
CA VAL A 24 -2.10 6.88 36.02
C VAL A 24 -3.60 6.58 36.19
N ASP A 25 -4.40 6.94 35.19
CA ASP A 25 -5.83 6.73 35.24
C ASP A 25 -6.21 5.35 35.76
N ASN A 26 -7.14 5.34 36.71
CA ASN A 26 -7.61 4.12 37.36
C ASN A 26 -7.84 2.93 36.41
N ASP A 27 -8.20 3.23 35.17
CA ASP A 27 -8.48 2.19 34.16
C ASP A 27 -7.21 1.59 33.54
N LEU A 28 -6.40 2.45 32.89
CA LEU A 28 -5.16 2.06 32.23
C LEU A 28 -4.31 1.11 33.08
N LYS A 29 -4.15 1.44 34.35
CA LYS A 29 -3.36 0.61 35.24
C LYS A 29 -4.07 -0.71 35.50
N ALA A 30 -5.39 -0.66 35.55
CA ALA A 30 -6.20 -1.84 35.81
C ALA A 30 -6.24 -2.79 34.63
N ASN A 31 -5.98 -2.27 33.43
CA ASN A 31 -6.00 -3.10 32.24
C ASN A 31 -4.61 -3.35 31.66
N PHE A 32 -3.61 -2.67 32.21
CA PHE A 32 -2.24 -2.85 31.76
C PHE A 32 -1.83 -4.27 32.19
N LYS A 33 -1.58 -5.13 31.21
CA LYS A 33 -1.17 -6.51 31.48
C LYS A 33 0.22 -6.79 30.92
N LEU A 34 0.93 -5.74 30.51
CA LEU A 34 2.29 -5.82 29.97
C LEU A 34 2.44 -6.46 28.58
N LEU A 35 1.52 -6.14 27.67
CA LEU A 35 1.61 -6.66 26.30
C LEU A 35 2.29 -5.62 25.40
N PRO A 36 2.94 -6.08 24.32
CA PRO A 36 3.64 -5.22 23.37
C PRO A 36 2.90 -3.95 22.95
N ASP A 37 1.60 -4.05 22.74
CA ASP A 37 0.84 -2.89 22.31
C ASP A 37 0.41 -1.96 23.43
N GLN A 38 0.68 -2.32 24.68
CA GLN A 38 0.27 -1.51 25.82
C GLN A 38 1.28 -0.42 26.23
N VAL A 39 1.36 0.68 25.48
CA VAL A 39 2.30 1.73 25.85
C VAL A 39 1.70 3.11 26.13
N GLU A 40 0.43 3.13 26.50
CA GLU A 40 -0.23 4.41 26.81
C GLU A 40 0.01 4.78 28.27
N ALA A 41 -0.19 3.80 29.17
CA ALA A 41 0.03 4.04 30.61
C ALA A 41 1.50 4.35 30.87
N LEU A 42 2.39 3.64 30.19
CA LEU A 42 3.81 3.88 30.36
C LEU A 42 4.10 5.29 29.88
N ALA A 43 3.61 5.62 28.69
CA ALA A 43 3.81 6.97 28.15
C ALA A 43 3.15 8.00 29.08
N ALA A 44 2.18 7.56 29.88
CA ALA A 44 1.48 8.43 30.82
C ALA A 44 2.32 8.72 32.07
N VAL A 45 2.94 7.68 32.65
CA VAL A 45 3.74 7.89 33.84
C VAL A 45 4.84 8.89 33.51
N CYS A 46 5.36 8.80 32.30
CA CYS A 46 6.40 9.69 31.85
C CYS A 46 5.88 11.11 31.68
N LYS A 47 4.65 11.22 31.19
CA LYS A 47 4.04 12.52 30.96
C LYS A 47 3.93 13.34 32.25
N THR A 48 3.47 12.71 33.32
CA THR A 48 3.34 13.42 34.60
C THR A 48 4.71 13.74 35.15
N TRP A 49 5.55 12.72 35.36
CA TRP A 49 6.90 12.91 35.86
C TRP A 49 7.59 14.06 35.14
N LEU A 50 7.23 14.29 33.88
CA LEU A 50 7.81 15.39 33.13
C LEU A 50 7.18 16.69 33.60
N ASN A 51 5.85 16.75 33.58
CA ASN A 51 5.13 17.94 33.99
C ASN A 51 5.30 18.27 35.48
N GLU A 52 5.78 17.30 36.24
CA GLU A 52 6.03 17.47 37.67
C GLU A 52 7.49 17.84 37.89
N GLU A 53 8.39 16.90 37.63
CA GLU A 53 9.82 17.13 37.83
C GLU A 53 10.67 17.78 36.72
N HIS A 54 10.06 18.19 35.61
CA HIS A 54 10.84 18.80 34.53
C HIS A 54 10.07 19.76 33.63
N ARG A 55 9.41 20.74 34.25
CA ARG A 55 8.63 21.73 33.52
C ARG A 55 9.45 22.64 32.62
N GLY A 56 10.78 22.58 32.73
CA GLY A 56 11.61 23.43 31.90
C GLY A 56 12.33 22.83 30.72
N LEU A 57 11.89 21.65 30.27
CA LEU A 57 12.53 20.98 29.14
C LEU A 57 12.20 21.59 27.77
N GLN A 58 13.14 22.33 27.21
CA GLN A 58 12.92 22.92 25.89
C GLN A 58 13.52 21.96 24.86
N LEU A 59 12.69 21.53 23.93
CA LEU A 59 13.08 20.58 22.88
C LEU A 59 13.50 21.35 21.63
N THR A 60 14.11 20.66 20.68
CA THR A 60 14.55 21.28 19.42
C THR A 60 14.17 20.37 18.25
N PHE A 61 13.22 20.84 17.45
CA PHE A 61 12.72 20.09 16.30
C PHE A 61 12.14 18.77 16.78
N THR A 62 11.38 18.85 17.87
CA THR A 62 10.73 17.71 18.50
C THR A 62 9.33 18.13 18.96
N SER A 63 8.36 17.21 18.90
CA SER A 63 7.02 17.55 19.37
C SER A 63 6.85 16.83 20.70
N ASN A 64 6.13 17.45 21.63
CA ASN A 64 5.92 16.86 22.95
C ASN A 64 5.37 15.44 22.88
N LYS A 65 4.44 15.20 21.96
CA LYS A 65 3.89 13.88 21.83
C LYS A 65 4.99 12.89 21.50
N THR A 66 5.87 13.25 20.58
CA THR A 66 6.96 12.36 20.21
C THR A 66 7.89 12.04 21.37
N PHE A 67 8.20 13.06 22.18
CA PHE A 67 9.08 12.87 23.33
C PHE A 67 8.46 11.95 24.37
N VAL A 68 7.24 12.25 24.77
CA VAL A 68 6.54 11.44 25.76
C VAL A 68 6.32 10.03 25.20
N THR A 69 6.08 9.95 23.90
CA THR A 69 5.89 8.67 23.23
C THR A 69 7.15 7.83 23.38
N MET A 70 8.27 8.38 22.92
CA MET A 70 9.54 7.70 22.97
C MET A 70 9.96 7.29 24.37
N MET A 71 9.72 8.16 25.35
CA MET A 71 10.06 7.81 26.73
C MET A 71 9.32 6.53 27.11
N GLY A 72 8.09 6.40 26.60
CA GLY A 72 7.31 5.22 26.90
C GLY A 72 7.99 3.94 26.41
N ARG A 73 8.46 3.97 25.16
CA ARG A 73 9.11 2.83 24.54
C ARG A 73 10.31 2.37 25.37
N PHE A 74 11.23 3.29 25.64
CA PHE A 74 12.42 2.99 26.43
C PHE A 74 12.08 2.50 27.84
N LEU A 75 10.94 2.93 28.37
CA LEU A 75 10.49 2.50 29.70
C LEU A 75 10.08 1.03 29.58
N GLN A 76 9.24 0.74 28.58
CA GLN A 76 8.76 -0.62 28.31
C GLN A 76 9.96 -1.54 28.19
N ALA A 77 11.00 -1.03 27.53
CA ALA A 77 12.22 -1.78 27.36
C ALA A 77 12.72 -2.18 28.74
N TYR A 78 13.07 -1.19 29.55
CA TYR A 78 13.58 -1.45 30.90
C TYR A 78 12.69 -2.38 31.71
N LEU A 79 11.40 -2.03 31.81
CA LEU A 79 10.42 -2.82 32.55
C LEU A 79 10.41 -4.27 32.04
N GLN A 80 10.69 -4.46 30.76
CA GLN A 80 10.72 -5.80 30.20
C GLN A 80 12.07 -6.45 30.50
N SER A 81 13.14 -5.66 30.42
CA SER A 81 14.48 -6.16 30.66
C SER A 81 14.60 -6.57 32.11
N PHE A 82 13.80 -5.91 32.95
CA PHE A 82 13.76 -6.11 34.39
C PHE A 82 13.02 -7.39 34.76
N ALA A 83 12.06 -7.77 33.92
CA ALA A 83 11.28 -8.98 34.16
C ALA A 83 11.82 -10.19 33.41
N GLU A 84 12.81 -9.97 32.55
CA GLU A 84 13.39 -11.05 31.75
C GLU A 84 12.26 -11.59 30.86
N VAL A 85 11.67 -10.69 30.09
CA VAL A 85 10.56 -11.02 29.20
C VAL A 85 10.87 -10.59 27.77
N THR A 86 10.69 -11.52 26.84
CA THR A 86 10.90 -11.26 25.43
C THR A 86 9.70 -11.77 24.64
N TYR A 87 9.00 -10.85 24.00
CA TYR A 87 7.83 -11.18 23.20
C TYR A 87 8.27 -11.22 21.74
N LYS A 88 8.08 -12.37 21.10
CA LYS A 88 8.46 -12.58 19.71
C LYS A 88 7.82 -11.60 18.72
N HIS A 89 8.63 -11.14 17.77
CA HIS A 89 8.19 -10.19 16.75
C HIS A 89 7.87 -8.85 17.39
N HIS A 90 8.69 -8.43 18.36
CA HIS A 90 8.45 -7.16 19.03
C HIS A 90 9.71 -6.65 19.70
N GLU A 91 10.11 -5.43 19.35
CA GLU A 91 11.29 -4.80 19.92
C GLU A 91 10.74 -3.58 20.65
N PRO A 92 10.83 -3.58 21.99
CA PRO A 92 10.35 -2.49 22.84
C PRO A 92 10.67 -1.09 22.36
N THR A 93 11.96 -0.82 22.17
CA THR A 93 12.43 0.50 21.77
C THR A 93 11.88 1.09 20.48
N GLY A 94 11.64 0.25 19.49
CA GLY A 94 11.18 0.77 18.21
C GLY A 94 12.36 1.53 17.65
N CYS A 95 13.57 1.15 18.10
CA CYS A 95 14.82 1.77 17.66
C CYS A 95 15.96 0.75 17.43
N ALA A 96 16.98 1.20 16.70
CA ALA A 96 18.15 0.39 16.39
C ALA A 96 19.36 1.32 16.38
N LEU A 97 20.54 0.76 16.61
CA LEU A 97 21.78 1.55 16.64
C LEU A 97 22.56 1.46 15.34
N TRP A 98 22.52 2.55 14.57
CA TRP A 98 23.19 2.62 13.28
C TRP A 98 24.60 3.21 13.36
N LEU A 99 25.59 2.33 13.26
CA LEU A 99 26.97 2.76 13.27
C LEU A 99 27.19 3.38 11.89
N HIS A 100 26.89 4.67 11.80
CA HIS A 100 27.04 5.43 10.56
C HIS A 100 28.50 5.78 10.40
N ARG A 101 28.95 6.01 9.17
CA ARG A 101 30.35 6.40 8.99
C ARG A 101 30.38 7.71 8.19
N CYS A 102 29.42 8.58 8.52
CA CYS A 102 29.24 9.87 7.87
C CYS A 102 30.15 10.99 8.39
N ALA A 103 30.54 10.92 9.66
CA ALA A 103 31.41 11.95 10.23
C ALA A 103 32.81 11.36 10.38
N GLU A 104 33.28 10.73 9.31
CA GLU A 104 34.60 10.08 9.30
C GLU A 104 35.48 10.64 8.18
N ILE A 105 35.14 10.34 6.94
CA ILE A 105 35.93 10.83 5.82
C ILE A 105 35.30 12.16 5.39
N GLU A 106 36.12 13.19 5.34
CA GLU A 106 35.65 14.53 4.97
C GLU A 106 34.90 14.49 3.66
N GLY A 107 33.67 15.00 3.67
CA GLY A 107 32.86 15.03 2.47
C GLY A 107 32.12 13.75 2.09
N GLU A 108 32.50 12.63 2.69
CA GLU A 108 31.85 11.36 2.39
C GLU A 108 30.76 10.95 3.38
N LEU A 109 29.64 10.46 2.86
CA LEU A 109 28.51 9.99 3.66
C LEU A 109 28.24 8.59 3.14
N LYS A 110 27.57 7.76 3.92
CA LYS A 110 27.27 6.40 3.48
C LYS A 110 25.85 6.08 3.93
N CYS A 111 25.01 5.67 2.99
CA CYS A 111 23.60 5.37 3.29
C CYS A 111 23.41 4.17 4.21
N LEU A 112 22.15 3.86 4.51
CA LEU A 112 21.78 2.73 5.38
C LEU A 112 22.34 1.39 4.93
N HIS A 113 22.76 1.30 3.68
CA HIS A 113 23.29 0.05 3.15
C HIS A 113 24.72 -0.19 3.62
N GLY A 114 25.35 0.86 4.17
CA GLY A 114 26.70 0.73 4.61
C GLY A 114 27.67 0.94 3.47
N SER A 115 27.15 1.34 2.32
CA SER A 115 27.97 1.61 1.14
C SER A 115 27.87 3.11 0.92
N ILE A 116 28.78 3.68 0.14
CA ILE A 116 28.76 5.11 -0.12
C ILE A 116 27.48 5.57 -0.80
N MET A 117 27.30 6.89 -0.83
CA MET A 117 26.12 7.47 -1.46
C MET A 117 26.58 8.11 -2.75
N ILE A 118 25.90 7.79 -3.84
CA ILE A 118 26.29 8.36 -5.13
C ILE A 118 25.73 9.75 -5.19
N ASN A 119 26.57 10.67 -5.66
CA ASN A 119 26.20 12.06 -5.78
C ASN A 119 25.43 12.30 -7.06
N LYS A 120 24.48 13.21 -6.98
CA LYS A 120 23.66 13.59 -8.11
C LYS A 120 23.43 15.11 -8.08
N ASP A 162 25.85 17.83 -5.60
CA ASP A 162 26.19 17.76 -4.15
C ASP A 162 25.18 16.87 -3.43
N ALA A 163 24.09 16.55 -4.12
CA ALA A 163 23.05 15.71 -3.57
C ALA A 163 23.60 14.31 -3.35
N ARG A 164 23.21 13.68 -2.26
CA ARG A 164 23.65 12.33 -1.98
C ARG A 164 22.46 11.39 -2.11
N CYS A 165 22.65 10.34 -2.91
CA CYS A 165 21.61 9.38 -3.18
C CYS A 165 22.18 8.00 -2.92
N CYS A 166 21.32 7.11 -2.43
CA CYS A 166 21.72 5.73 -2.18
C CYS A 166 22.08 5.13 -3.54
N VAL A 167 23.24 4.51 -3.64
CA VAL A 167 23.72 3.91 -4.88
C VAL A 167 22.69 3.10 -5.71
N HIS A 168 21.68 2.51 -5.07
CA HIS A 168 20.68 1.74 -5.80
C HIS A 168 19.62 2.55 -6.53
N ASP A 169 19.71 3.87 -6.42
CA ASP A 169 18.78 4.74 -7.11
C ASP A 169 19.50 5.27 -8.36
N ALA A 170 20.47 4.50 -8.83
CA ALA A 170 21.29 4.86 -9.99
C ALA A 170 20.49 5.30 -11.22
N ALA A 171 19.47 4.51 -11.55
CA ALA A 171 18.62 4.84 -12.71
C ALA A 171 17.68 6.00 -12.34
N CYS A 172 17.08 5.90 -11.15
CA CYS A 172 16.13 6.89 -10.65
C CYS A 172 16.69 8.30 -10.70
N PRO A 173 15.89 9.26 -11.20
CA PRO A 173 16.28 10.67 -11.30
C PRO A 173 16.43 11.41 -9.96
N ALA A 174 17.64 11.40 -9.42
CA ALA A 174 17.97 12.07 -8.15
C ALA A 174 17.10 11.70 -6.93
N ASN A 175 16.11 12.54 -6.61
CA ASN A 175 15.24 12.29 -5.46
C ASN A 175 14.03 11.42 -5.83
N GLN A 176 14.31 10.21 -6.30
CA GLN A 176 13.28 9.26 -6.70
C GLN A 176 13.87 7.90 -6.34
N PHE A 177 13.07 6.99 -5.80
CA PHE A 177 13.59 5.71 -5.35
C PHE A 177 13.15 4.44 -6.08
N SER A 178 14.05 3.47 -6.08
CA SER A 178 13.78 2.18 -6.70
C SER A 178 13.35 1.23 -5.59
N GLY A 179 12.82 0.07 -5.97
CA GLY A 179 12.38 -0.88 -4.97
C GLY A 179 13.53 -1.54 -4.21
N LYS A 180 14.77 -1.21 -4.57
CA LYS A 180 15.93 -1.78 -3.90
C LYS A 180 16.60 -0.76 -2.99
N SER A 181 16.08 0.46 -3.04
CA SER A 181 16.60 1.57 -2.26
C SER A 181 16.28 1.45 -0.77
N CYS A 182 17.07 2.16 0.01
CA CYS A 182 16.90 2.21 1.46
C CYS A 182 16.10 3.47 1.76
N GLY A 183 16.03 4.37 0.77
CA GLY A 183 15.26 5.59 0.93
C GLY A 183 16.00 6.76 1.53
N MET A 184 17.30 6.82 1.32
CA MET A 184 18.10 7.92 1.84
C MET A 184 18.49 8.87 0.74
N PHE A 185 18.37 10.16 0.99
CA PHE A 185 18.77 11.17 0.02
C PHE A 185 19.08 12.46 0.76
N PHE A 186 19.97 13.26 0.23
CA PHE A 186 20.32 14.52 0.85
C PHE A 186 20.51 15.50 -0.28
N SER A 187 19.93 16.69 -0.13
CA SER A 187 20.06 17.69 -1.18
C SER A 187 21.47 18.25 -1.05
N GLU A 188 21.74 18.84 0.10
CA GLU A 188 23.05 19.42 0.39
C GLU A 188 23.74 18.36 1.24
N GLY A 189 24.72 17.67 0.65
CA GLY A 189 25.43 16.63 1.38
C GLY A 189 26.26 17.11 2.54
N ALA A 190 26.81 18.32 2.44
CA ALA A 190 27.63 18.88 3.51
C ALA A 190 26.83 19.01 4.78
N LYS A 191 25.66 19.65 4.69
CA LYS A 191 24.79 19.84 5.85
C LYS A 191 24.58 18.51 6.57
N ALA A 192 24.21 17.49 5.81
CA ALA A 192 23.96 16.18 6.37
C ALA A 192 25.10 15.78 7.27
N GLN A 193 26.33 15.98 6.79
CA GLN A 193 27.49 15.60 7.59
C GLN A 193 27.63 16.46 8.83
N VAL A 194 27.36 17.75 8.70
CA VAL A 194 27.45 18.66 9.83
C VAL A 194 26.53 18.16 10.94
N ALA A 195 25.37 17.64 10.54
CA ALA A 195 24.40 17.11 11.47
C ALA A 195 24.95 15.85 12.13
N PHE A 196 25.69 15.06 11.36
CA PHE A 196 26.26 13.83 11.89
C PHE A 196 27.39 14.13 12.85
N LYS A 197 28.18 15.14 12.51
CA LYS A 197 29.30 15.56 13.34
C LYS A 197 28.75 16.09 14.66
N GLN A 198 27.63 16.80 14.58
CA GLN A 198 26.97 17.37 15.76
C GLN A 198 26.52 16.31 16.75
N ILE A 199 25.72 15.35 16.31
CA ILE A 199 25.24 14.32 17.21
C ILE A 199 26.42 13.60 17.86
N LYS A 200 27.50 13.42 17.09
CA LYS A 200 28.69 12.75 17.59
C LYS A 200 29.38 13.62 18.64
N ALA A 201 29.44 14.92 18.39
CA ALA A 201 30.06 15.86 19.31
C ALA A 201 29.30 15.84 20.63
N PHE A 202 27.98 15.86 20.52
CA PHE A 202 27.06 15.83 21.64
C PHE A 202 27.27 14.54 22.43
N MET A 203 27.24 13.41 21.73
CA MET A 203 27.42 12.10 22.33
C MET A 203 28.71 12.00 23.13
N GLN A 204 29.75 12.66 22.63
CA GLN A 204 31.05 12.63 23.29
C GLN A 204 31.01 13.47 24.54
N ALA A 205 30.48 14.68 24.43
CA ALA A 205 30.39 15.58 25.58
C ALA A 205 29.67 14.92 26.75
N LEU A 206 28.64 14.15 26.42
CA LEU A 206 27.86 13.48 27.44
C LEU A 206 28.53 12.21 27.95
N TYR A 207 29.42 11.64 27.14
CA TYR A 207 30.13 10.40 27.53
C TYR A 207 31.62 10.46 27.15
N PRO A 208 32.41 11.29 27.84
CA PRO A 208 33.84 11.45 27.57
C PRO A 208 34.69 10.17 27.70
N ASN A 209 34.44 9.40 28.75
CA ASN A 209 35.22 8.19 28.95
C ASN A 209 34.58 6.91 28.41
N ALA A 210 33.80 7.07 27.34
CA ALA A 210 33.13 5.92 26.72
C ALA A 210 34.16 5.08 26.02
N GLN A 211 33.95 3.78 26.02
CA GLN A 211 34.87 2.84 25.38
C GLN A 211 34.28 2.40 24.04
N THR A 212 33.06 2.86 23.76
CA THR A 212 32.36 2.53 22.54
C THR A 212 31.02 3.26 22.51
N GLY A 213 30.62 3.75 21.34
CA GLY A 213 29.34 4.43 21.21
C GLY A 213 29.30 5.68 20.35
N HIS A 214 30.37 6.47 20.36
CA HIS A 214 30.41 7.73 19.60
C HIS A 214 30.19 7.60 18.09
N GLY A 215 30.29 6.38 17.57
CA GLY A 215 30.10 6.16 16.14
C GLY A 215 28.70 5.69 15.80
N HIS A 216 28.04 5.09 16.78
CA HIS A 216 26.69 4.58 16.60
C HIS A 216 25.66 5.69 16.60
N LEU A 217 24.48 5.39 16.11
CA LEU A 217 23.40 6.36 16.04
C LEU A 217 22.11 5.76 16.57
N LEU A 218 21.53 6.38 17.60
CA LEU A 218 20.26 5.91 18.15
C LEU A 218 19.27 6.49 17.15
N MET A 219 18.37 5.66 16.64
CA MET A 219 17.42 6.13 15.65
C MET A 219 16.16 5.29 15.72
N PRO A 220 14.99 5.92 15.59
CA PRO A 220 13.77 5.12 15.65
C PRO A 220 13.62 4.38 14.32
N LEU A 221 13.16 3.13 14.40
CA LEU A 221 12.95 2.30 13.22
C LEU A 221 11.51 2.37 12.73
N ARG A 222 10.61 2.91 13.55
CA ARG A 222 9.20 2.99 13.18
C ARG A 222 8.50 4.22 13.72
N CYS A 223 7.78 4.92 12.85
CA CYS A 223 7.04 6.11 13.23
C CYS A 223 5.66 5.63 13.68
N GLU A 224 4.80 6.56 14.07
CA GLU A 224 3.48 6.17 14.54
C GLU A 224 2.70 5.37 13.49
N CYS A 225 3.09 5.46 12.22
CA CYS A 225 2.41 4.75 11.13
C CYS A 225 2.61 3.23 11.16
N ASN A 226 3.85 2.81 11.26
CA ASN A 226 4.15 1.39 11.30
C ASN A 226 4.53 0.95 12.69
N SER A 227 3.61 1.16 13.63
CA SER A 227 3.80 0.76 15.02
C SER A 227 2.59 -0.08 15.45
N PRO A 233 0.58 -2.85 5.28
CA PRO A 233 1.80 -2.49 4.52
C PRO A 233 1.52 -1.16 3.83
N PHE A 234 2.56 -0.43 3.47
CA PHE A 234 2.38 0.85 2.80
C PHE A 234 3.55 1.14 1.90
N LEU A 235 3.32 1.96 0.88
CA LEU A 235 4.35 2.31 -0.08
C LEU A 235 5.35 3.34 0.44
N GLY A 236 6.39 3.59 -0.34
CA GLY A 236 7.41 4.56 0.04
C GLY A 236 8.44 4.01 1.00
N ARG A 237 8.97 4.87 1.85
CA ARG A 237 9.98 4.49 2.83
C ARG A 237 9.39 3.57 3.89
N GLN A 238 10.25 2.75 4.51
CA GLN A 238 9.81 1.83 5.54
C GLN A 238 10.33 2.17 6.95
N LEU A 239 11.09 3.25 7.06
CA LEU A 239 11.64 3.73 8.35
C LEU A 239 11.41 5.24 8.41
N PRO A 240 11.42 5.82 9.63
CA PRO A 240 11.21 7.27 9.78
C PRO A 240 12.25 8.00 8.94
N LYS A 241 11.88 9.15 8.40
CA LYS A 241 12.80 9.92 7.56
C LYS A 241 13.86 10.67 8.37
N LEU A 242 15.12 10.55 7.93
CA LEU A 242 16.23 11.23 8.60
C LEU A 242 16.55 12.48 7.79
N THR A 243 16.27 13.64 8.36
CA THR A 243 16.50 14.91 7.65
C THR A 243 17.33 15.92 8.45
N PRO A 244 18.37 16.49 7.82
CA PRO A 244 19.19 17.46 8.55
C PRO A 244 18.55 18.86 8.54
N PHE A 245 18.54 19.50 9.71
CA PHE A 245 18.00 20.85 9.87
C PHE A 245 19.17 21.71 10.35
N ALA A 246 19.13 23.00 10.07
CA ALA A 246 20.21 23.93 10.46
C ALA A 246 19.82 24.81 11.65
N LEU A 247 20.83 25.25 12.40
CA LEU A 247 20.59 26.12 13.56
C LEU A 247 21.27 27.46 13.29
N SER A 248 20.58 28.32 12.56
CA SER A 248 21.10 29.64 12.19
C SER A 248 21.54 30.51 13.37
N ASN A 249 20.79 30.47 14.47
CA ASN A 249 21.12 31.30 15.63
C ASN A 249 22.38 30.83 16.34
N ALA A 250 22.69 29.55 16.22
CA ALA A 250 23.89 29.00 16.86
C ALA A 250 25.10 29.60 16.18
N GLU A 251 25.00 29.75 14.86
CA GLU A 251 26.04 30.30 14.01
C GLU A 251 26.85 31.44 14.63
N ASP A 252 26.23 32.18 15.53
CA ASP A 252 26.87 33.30 16.19
C ASP A 252 26.98 33.11 17.70
N LEU A 253 25.83 33.23 18.37
CA LEU A 253 25.69 33.14 19.81
C LEU A 253 26.43 34.31 20.47
N ASP A 260 29.57 24.66 28.98
CA ASP A 260 28.70 23.50 28.62
C ASP A 260 29.13 22.91 27.27
N LYS A 261 29.82 21.78 27.32
CA LYS A 261 30.32 21.14 26.11
C LYS A 261 29.23 20.70 25.12
N SER A 262 28.12 20.17 25.61
CA SER A 262 27.05 19.72 24.72
C SER A 262 26.34 20.87 24.01
N VAL A 263 26.36 22.05 24.61
CA VAL A 263 25.72 23.23 24.00
C VAL A 263 26.62 23.70 22.88
N LEU A 264 27.93 23.46 23.04
CA LEU A 264 28.91 23.84 22.02
C LEU A 264 28.88 22.91 20.82
N ALA A 265 28.30 21.73 21.01
CA ALA A 265 28.19 20.76 19.92
C ALA A 265 27.38 21.36 18.80
N SER A 266 26.27 22.02 19.15
CA SER A 266 25.38 22.64 18.19
C SER A 266 26.00 23.90 17.58
N VAL A 267 26.96 24.47 18.29
CA VAL A 267 27.66 25.68 17.85
C VAL A 267 28.71 25.32 16.82
N HIS A 268 29.53 24.32 17.16
CA HIS A 268 30.61 23.85 16.29
C HIS A 268 30.06 23.15 15.06
N HIS A 269 28.85 22.62 15.17
CA HIS A 269 28.21 21.92 14.06
C HIS A 269 26.76 22.35 14.08
N PRO A 270 26.44 23.46 13.38
CA PRO A 270 25.12 24.07 13.26
C PRO A 270 24.09 23.35 12.40
N ALA A 271 23.86 22.08 12.69
CA ALA A 271 22.88 21.28 11.97
C ALA A 271 22.42 20.18 12.93
N LEU A 272 21.23 19.63 12.68
CA LEU A 272 20.66 18.59 13.54
C LEU A 272 19.92 17.50 12.77
N ILE A 273 20.17 16.25 13.13
CA ILE A 273 19.51 15.11 12.50
C ILE A 273 18.11 15.08 13.09
N VAL A 274 17.09 15.11 12.22
CA VAL A 274 15.70 15.08 12.67
C VAL A 274 14.96 13.92 11.99
N PHE A 275 14.22 13.15 12.78
CA PHE A 275 13.46 12.01 12.27
C PHE A 275 11.98 12.36 12.27
N GLN A 276 11.32 12.17 11.14
CA GLN A 276 9.88 12.45 11.01
C GLN A 276 9.15 11.14 10.68
N CYS A 277 8.06 11.24 9.95
CA CYS A 277 7.28 10.04 9.54
C CYS A 277 8.08 9.33 8.45
N CYS A 278 7.71 8.08 8.15
CA CYS A 278 8.39 7.35 7.07
C CYS A 278 8.16 8.16 5.79
N ASN A 279 6.91 8.39 5.47
CA ASN A 279 6.55 9.14 4.28
C ASN A 279 5.65 10.34 4.62
N PRO A 280 6.25 11.43 5.13
CA PRO A 280 5.57 12.67 5.52
C PRO A 280 4.85 13.34 4.35
N PRO A 292 -0.64 6.95 4.25
CA PRO A 292 -0.22 6.90 5.67
C PRO A 292 0.94 7.85 5.92
N ASN A 293 0.76 8.72 6.91
CA ASN A 293 1.76 9.70 7.28
C ASN A 293 1.36 10.15 8.68
N CYS A 294 2.32 10.60 9.47
CA CYS A 294 2.01 11.02 10.83
C CYS A 294 2.87 12.19 11.26
N ASP A 295 2.48 12.82 12.35
CA ASP A 295 3.20 13.97 12.89
C ASP A 295 4.33 13.56 13.85
N PHE A 296 5.05 12.52 13.48
CA PHE A 296 6.17 12.04 14.27
C PHE A 296 7.30 13.01 13.95
N LYS A 297 8.05 13.41 14.98
CA LYS A 297 9.17 14.32 14.80
C LYS A 297 9.98 14.39 16.07
N ILE A 298 11.26 14.08 15.96
CA ILE A 298 12.18 14.12 17.09
C ILE A 298 13.62 14.25 16.57
N SER A 299 14.38 15.19 17.12
CA SER A 299 15.75 15.36 16.68
C SER A 299 16.59 14.32 17.42
N ALA A 300 17.65 13.83 16.78
CA ALA A 300 18.50 12.82 17.38
C ALA A 300 18.93 13.09 18.84
N PRO A 301 19.53 14.27 19.12
CA PRO A 301 19.95 14.56 20.50
C PRO A 301 18.82 14.47 21.52
N ASP A 302 17.63 14.93 21.16
CA ASP A 302 16.49 14.87 22.06
C ASP A 302 16.09 13.41 22.29
N LEU A 303 16.29 12.58 21.26
CA LEU A 303 15.98 11.16 21.33
C LEU A 303 16.93 10.49 22.35
N LEU A 304 18.17 10.99 22.40
CA LEU A 304 19.17 10.48 23.34
C LEU A 304 18.72 10.90 24.75
N ASN A 305 18.27 12.15 24.90
CA ASN A 305 17.80 12.67 26.18
C ASN A 305 16.60 11.91 26.68
N ALA A 306 15.82 11.33 25.78
CA ALA A 306 14.66 10.54 26.17
C ALA A 306 15.18 9.25 26.84
N LEU A 307 16.12 8.60 26.20
CA LEU A 307 16.70 7.37 26.73
C LEU A 307 17.26 7.70 28.13
N VAL A 308 17.96 8.82 28.22
CA VAL A 308 18.57 9.27 29.46
C VAL A 308 17.55 9.56 30.57
N MET A 309 16.59 10.44 30.28
CA MET A 309 15.56 10.77 31.28
C MET A 309 14.88 9.51 31.79
N VAL A 310 14.66 8.53 30.90
CA VAL A 310 14.03 7.30 31.33
C VAL A 310 14.93 6.60 32.35
N ARG A 311 16.23 6.53 32.06
CA ARG A 311 17.20 5.90 32.95
C ARG A 311 17.11 6.50 34.36
N SER A 312 17.13 7.82 34.44
CA SER A 312 17.03 8.52 35.72
C SER A 312 15.72 8.23 36.44
N LEU A 313 14.60 8.35 35.71
CA LEU A 313 13.28 8.07 36.27
C LEU A 313 13.30 6.71 36.94
N TRP A 314 13.97 5.75 36.30
CA TRP A 314 14.06 4.40 36.85
C TRP A 314 14.94 4.42 38.07
N SER A 315 16.07 5.11 37.96
CA SER A 315 17.02 5.17 39.05
C SER A 315 16.51 5.92 40.29
N GLU A 316 15.48 6.74 40.10
CA GLU A 316 14.90 7.45 41.25
C GLU A 316 14.04 6.45 42.02
N ASN A 317 13.42 5.53 41.29
CA ASN A 317 12.53 4.52 41.86
C ASN A 317 13.14 3.16 42.17
N PHE A 318 14.33 2.86 41.64
CA PHE A 318 14.93 1.57 41.89
C PHE A 318 16.42 1.68 42.14
N THR A 319 16.94 0.76 42.93
CA THR A 319 18.36 0.71 43.30
C THR A 319 19.31 0.48 42.13
N GLU A 320 19.02 -0.56 41.34
CA GLU A 320 19.85 -0.92 40.19
C GLU A 320 19.09 -0.82 38.85
N LEU A 321 19.79 -0.40 37.81
CA LEU A 321 19.21 -0.26 36.47
C LEU A 321 19.51 -1.51 35.63
N PRO A 322 18.47 -2.17 35.11
CA PRO A 322 18.66 -3.38 34.30
C PRO A 322 19.26 -3.11 32.91
N ARG A 323 19.85 -4.15 32.32
CA ARG A 323 20.44 -4.01 30.98
C ARG A 323 19.33 -3.87 29.95
N MET A 324 19.49 -2.88 29.07
CA MET A 324 18.52 -2.65 28.02
C MET A 324 19.35 -2.48 26.76
N VAL A 325 19.34 -3.52 25.94
CA VAL A 325 20.10 -3.56 24.69
C VAL A 325 19.30 -3.15 23.45
N VAL A 326 19.57 -1.96 22.94
CA VAL A 326 18.91 -1.49 21.76
C VAL A 326 19.66 -2.23 20.66
N PRO A 327 18.93 -2.96 19.78
CA PRO A 327 19.48 -3.74 18.68
C PRO A 327 20.31 -2.93 17.70
N GLU A 328 21.48 -3.45 17.35
CA GLU A 328 22.36 -2.76 16.41
C GLU A 328 21.83 -2.99 15.00
N PHE A 329 21.68 -1.89 14.26
CA PHE A 329 21.13 -1.94 12.91
C PHE A 329 21.82 -2.79 11.85
N LYS A 330 21.10 -3.79 11.36
CA LYS A 330 21.60 -4.69 10.33
C LYS A 330 20.71 -4.50 9.08
N TRP A 331 21.31 -4.19 7.95
CA TRP A 331 20.54 -3.98 6.74
C TRP A 331 19.73 -5.21 6.34
N SER A 332 18.55 -4.97 5.82
CA SER A 332 17.64 -6.03 5.39
C SER A 332 16.72 -5.52 4.30
N THR A 333 16.27 -6.44 3.45
CA THR A 333 15.36 -6.13 2.36
C THR A 333 14.08 -5.58 2.96
N LYS A 334 13.83 -6.03 4.19
CA LYS A 334 12.68 -5.62 4.97
C LYS A 334 12.49 -4.11 4.97
N HIS A 335 13.58 -3.34 4.90
CA HIS A 335 13.52 -1.88 4.93
C HIS A 335 13.59 -1.24 3.55
N GLN A 336 13.44 -2.04 2.50
CA GLN A 336 13.51 -1.56 1.11
C GLN A 336 12.34 -0.68 0.67
N TYR A 337 12.64 0.35 -0.11
CA TYR A 337 11.63 1.25 -0.60
C TYR A 337 10.62 0.48 -1.41
N ARG A 338 9.34 0.62 -1.06
CA ARG A 338 8.29 -0.09 -1.77
C ARG A 338 7.64 0.74 -2.88
N ASN A 339 7.61 0.20 -4.09
CA ASN A 339 7.02 0.89 -5.24
C ASN A 339 5.75 0.24 -5.73
N VAL A 340 5.52 -1.02 -5.36
CA VAL A 340 4.32 -1.73 -5.82
C VAL A 340 3.42 -2.10 -4.64
N SER A 341 2.12 -1.91 -4.82
CA SER A 341 1.12 -2.18 -3.77
C SER A 341 0.37 -3.49 -3.93
N LEU A 342 -0.22 -3.94 -2.84
CA LEU A 342 -1.03 -5.16 -2.86
C LEU A 342 -2.47 -4.68 -2.75
N PRO A 343 -3.42 -5.46 -3.28
CA PRO A 343 -4.80 -4.99 -3.19
C PRO A 343 -5.44 -5.14 -1.80
N VAL A 344 -6.21 -4.11 -1.44
CA VAL A 344 -6.96 -4.07 -0.19
C VAL A 344 -8.40 -3.97 -0.71
N ALA A 345 -9.26 -4.87 -0.27
CA ALA A 345 -10.64 -4.89 -0.73
C ALA A 345 -11.49 -3.70 -0.25
N HIS A 346 -12.41 -3.26 -1.11
CA HIS A 346 -13.29 -2.16 -0.75
C HIS A 346 -14.51 -2.76 -0.08
N SER A 347 -15.15 -1.99 0.79
CA SER A 347 -16.31 -2.45 1.54
C SER A 347 -17.64 -2.54 0.79
N ASP A 348 -18.32 -3.66 0.98
CA ASP A 348 -19.62 -3.91 0.37
C ASP A 348 -20.53 -4.58 1.40
N ALA A 349 -21.73 -4.05 1.56
CA ALA A 349 -22.69 -4.58 2.52
C ALA A 349 -23.30 -5.93 2.13
N ARG A 350 -23.26 -6.25 0.85
CA ARG A 350 -23.83 -7.50 0.34
C ARG A 350 -23.16 -8.76 0.87
N GLN A 351 -23.98 -9.78 1.11
CA GLN A 351 -23.49 -11.08 1.57
C GLN A 351 -22.84 -11.79 0.39
N ASN A 352 -23.60 -11.94 -0.69
CA ASN A 352 -23.12 -12.60 -1.90
C ASN A 352 -22.41 -11.60 -2.81
N PRO A 353 -21.47 -12.08 -3.65
CA PRO A 353 -20.69 -11.28 -4.60
C PRO A 353 -21.42 -10.66 -5.80
N PHE A 354 -22.22 -11.46 -6.49
CA PHE A 354 -22.96 -10.99 -7.66
C PHE A 354 -24.36 -11.59 -7.68
N ASP A 355 -25.23 -10.99 -8.51
CA ASP A 355 -26.61 -11.43 -8.69
C ASP A 355 -26.65 -12.53 -9.73
N PHE A 356 -27.56 -13.47 -9.58
CA PHE A 356 -27.71 -14.58 -10.53
C PHE A 356 -29.17 -14.59 -11.02
N ALA B 7 -38.46 3.84 -16.59
CA ALA B 7 -38.55 4.33 -17.99
C ALA B 7 -37.34 5.23 -18.26
N TRP B 8 -37.12 5.53 -19.54
CA TRP B 8 -36.00 6.36 -19.99
C TRP B 8 -35.89 7.72 -19.26
N GLU B 9 -37.03 8.36 -19.01
CA GLU B 9 -37.04 9.65 -18.31
C GLU B 9 -36.42 9.54 -16.92
N LYS B 10 -36.79 8.50 -16.18
CA LYS B 10 -36.29 8.32 -14.83
C LYS B 10 -34.75 8.26 -14.75
N GLY B 11 -34.16 7.25 -15.39
CA GLY B 11 -32.70 7.10 -15.38
C GLY B 11 -31.99 8.26 -16.04
N MET B 12 -32.67 8.92 -16.96
CA MET B 12 -32.11 10.05 -17.65
C MET B 12 -31.99 11.17 -16.62
N GLU B 13 -32.95 11.22 -15.70
CA GLU B 13 -32.95 12.22 -14.63
C GLU B 13 -31.97 11.84 -13.53
N ALA B 14 -31.89 10.55 -13.25
CA ALA B 14 -30.96 10.08 -12.22
C ALA B 14 -29.53 10.36 -12.66
N ALA B 15 -29.29 10.31 -13.96
CA ALA B 15 -27.95 10.54 -14.50
C ALA B 15 -27.54 12.02 -14.49
N ARG B 16 -28.41 12.89 -15.00
CA ARG B 16 -28.11 14.31 -15.04
C ARG B 16 -27.93 14.84 -13.61
N ALA B 17 -28.53 14.12 -12.65
CA ALA B 17 -28.42 14.48 -11.25
C ALA B 17 -26.97 14.17 -10.84
N LEU B 18 -26.53 12.96 -11.15
CA LEU B 18 -25.18 12.50 -10.87
C LEU B 18 -24.14 13.29 -11.69
N MET B 19 -24.54 13.74 -12.88
CA MET B 19 -23.61 14.49 -13.72
C MET B 19 -23.39 15.91 -13.23
N ASP B 20 -24.48 16.57 -12.82
CA ASP B 20 -24.40 17.94 -12.31
C ASP B 20 -23.56 17.97 -11.04
N LYS B 21 -23.93 17.10 -10.11
CA LYS B 21 -23.27 16.96 -8.82
C LYS B 21 -21.75 16.92 -8.96
N TYR B 22 -21.25 15.95 -9.71
CA TYR B 22 -19.81 15.78 -9.91
C TYR B 22 -19.25 16.60 -11.06
N HIS B 23 -20.00 17.62 -11.46
CA HIS B 23 -19.64 18.56 -12.52
C HIS B 23 -18.89 18.07 -13.77
N VAL B 24 -19.58 17.31 -14.60
CA VAL B 24 -19.02 16.81 -15.84
C VAL B 24 -19.15 17.98 -16.85
N ASP B 25 -18.27 18.03 -17.84
CA ASP B 25 -18.32 19.11 -18.83
C ASP B 25 -19.70 19.18 -19.48
N ASN B 26 -20.29 20.37 -19.47
CA ASN B 26 -21.62 20.59 -20.03
C ASN B 26 -21.79 20.02 -21.43
N ASP B 27 -20.67 19.85 -22.14
CA ASP B 27 -20.71 19.31 -23.50
C ASP B 27 -21.17 17.84 -23.45
N LEU B 28 -20.55 17.07 -22.56
CA LEU B 28 -20.88 15.66 -22.40
C LEU B 28 -22.27 15.52 -21.80
N LYS B 29 -22.57 16.39 -20.85
CA LYS B 29 -23.85 16.41 -20.15
C LYS B 29 -24.98 16.46 -21.16
N ALA B 30 -24.86 17.35 -22.14
CA ALA B 30 -25.86 17.51 -23.19
C ALA B 30 -25.92 16.29 -24.12
N ASN B 31 -24.75 15.91 -24.65
CA ASN B 31 -24.65 14.78 -25.56
C ASN B 31 -25.10 13.42 -25.02
N PHE B 32 -25.05 13.25 -23.72
CA PHE B 32 -25.45 11.97 -23.14
C PHE B 32 -26.92 11.72 -23.42
N LYS B 33 -27.32 10.46 -23.49
CA LYS B 33 -28.72 10.13 -23.72
C LYS B 33 -29.09 8.70 -23.28
N LEU B 34 -28.23 8.10 -22.47
CA LEU B 34 -28.44 6.75 -21.95
C LEU B 34 -28.47 5.70 -23.08
N LEU B 35 -27.75 5.99 -24.15
CA LEU B 35 -27.64 5.07 -25.29
C LEU B 35 -26.52 4.07 -25.02
N PRO B 36 -26.57 2.89 -25.67
CA PRO B 36 -25.60 1.80 -25.53
C PRO B 36 -24.11 2.05 -25.28
N ASP B 37 -23.46 2.90 -26.08
CA ASP B 37 -22.03 3.12 -25.85
C ASP B 37 -21.69 4.52 -25.35
N GLN B 38 -22.52 5.08 -24.47
CA GLN B 38 -22.24 6.41 -23.93
C GLN B 38 -21.74 6.22 -22.50
N VAL B 39 -20.43 6.28 -22.33
CA VAL B 39 -19.80 6.07 -21.03
C VAL B 39 -18.78 7.15 -20.63
N GLU B 40 -18.36 7.97 -21.58
CA GLU B 40 -17.39 9.02 -21.28
C GLU B 40 -17.88 9.88 -20.11
N ALA B 41 -19.09 10.42 -20.22
CA ALA B 41 -19.66 11.26 -19.17
C ALA B 41 -19.64 10.55 -17.81
N LEU B 42 -20.05 9.29 -17.81
CA LEU B 42 -20.08 8.49 -16.58
C LEU B 42 -18.69 8.29 -16.01
N ALA B 43 -17.75 7.94 -16.87
CA ALA B 43 -16.39 7.73 -16.44
C ALA B 43 -15.97 9.00 -15.71
N ALA B 44 -16.31 10.15 -16.30
CA ALA B 44 -15.98 11.44 -15.72
C ALA B 44 -16.55 11.56 -14.32
N VAL B 45 -17.85 11.33 -14.20
CA VAL B 45 -18.51 11.41 -12.91
C VAL B 45 -17.72 10.55 -11.91
N CYS B 46 -17.20 9.43 -12.42
CA CYS B 46 -16.43 8.49 -11.59
C CYS B 46 -15.03 8.97 -11.18
N LYS B 47 -14.28 9.57 -12.11
CA LYS B 47 -12.94 10.05 -11.80
C LYS B 47 -13.05 11.19 -10.79
N THR B 48 -14.02 12.08 -10.98
CA THR B 48 -14.25 13.19 -10.08
C THR B 48 -14.59 12.65 -8.67
N TRP B 49 -15.61 11.79 -8.60
CA TRP B 49 -16.03 11.19 -7.32
C TRP B 49 -14.85 10.54 -6.64
N LEU B 50 -14.04 9.81 -7.40
CA LEU B 50 -12.87 9.16 -6.84
C LEU B 50 -11.92 10.23 -6.31
N ASN B 51 -11.55 11.19 -7.15
CA ASN B 51 -10.65 12.25 -6.73
C ASN B 51 -11.13 12.98 -5.48
N GLU B 52 -12.44 13.24 -5.42
CA GLU B 52 -13.01 13.96 -4.30
C GLU B 52 -13.07 13.16 -3.00
N GLU B 53 -13.76 12.03 -3.02
CA GLU B 53 -13.91 11.21 -1.83
C GLU B 53 -13.01 9.99 -1.70
N HIS B 54 -12.08 9.78 -2.63
CA HIS B 54 -11.20 8.60 -2.55
C HIS B 54 -9.76 8.75 -3.07
N ARG B 55 -9.14 9.89 -2.78
CA ARG B 55 -7.78 10.16 -3.22
C ARG B 55 -6.81 9.04 -2.82
N GLY B 56 -7.09 8.36 -1.71
CA GLY B 56 -6.21 7.30 -1.26
C GLY B 56 -6.33 5.95 -1.95
N LEU B 57 -6.95 5.91 -3.11
CA LEU B 57 -7.10 4.65 -3.84
C LEU B 57 -5.73 4.28 -4.39
N GLN B 58 -5.45 2.99 -4.45
CA GLN B 58 -4.17 2.49 -4.96
C GLN B 58 -4.39 1.23 -5.82
N LEU B 59 -3.97 1.29 -7.08
CA LEU B 59 -4.15 0.14 -7.99
C LEU B 59 -2.91 -0.75 -8.18
N THR B 60 -3.13 -2.05 -8.30
CA THR B 60 -2.05 -3.02 -8.51
C THR B 60 -2.07 -3.52 -9.97
N PHE B 61 -1.22 -2.95 -10.80
CA PHE B 61 -1.13 -3.33 -12.20
C PHE B 61 -2.44 -3.00 -12.90
N THR B 62 -2.82 -1.73 -12.87
CA THR B 62 -4.05 -1.32 -13.51
C THR B 62 -3.95 0.10 -14.06
N SER B 63 -4.29 0.24 -15.34
CA SER B 63 -4.26 1.55 -15.96
C SER B 63 -5.32 2.36 -15.23
N ASN B 64 -4.98 3.57 -14.82
CA ASN B 64 -5.96 4.42 -14.13
C ASN B 64 -7.18 4.54 -15.04
N LYS B 65 -6.93 4.86 -16.31
CA LYS B 65 -7.98 5.01 -17.30
C LYS B 65 -8.87 3.77 -17.36
N THR B 66 -8.24 2.61 -17.35
CA THR B 66 -9.00 1.36 -17.37
C THR B 66 -9.94 1.31 -16.18
N PHE B 67 -9.48 1.80 -15.04
CA PHE B 67 -10.28 1.78 -13.83
C PHE B 67 -11.55 2.61 -13.92
N VAL B 68 -11.45 3.87 -14.32
CA VAL B 68 -12.67 4.67 -14.42
C VAL B 68 -13.58 4.18 -15.54
N THR B 69 -13.00 3.54 -16.55
CA THR B 69 -13.78 3.00 -17.67
C THR B 69 -14.72 1.91 -17.16
N MET B 70 -14.16 1.01 -16.35
CA MET B 70 -14.93 -0.09 -15.78
C MET B 70 -16.02 0.40 -14.86
N MET B 71 -15.72 1.43 -14.08
CA MET B 71 -16.71 2.00 -13.17
C MET B 71 -17.80 2.66 -14.01
N GLY B 72 -17.39 3.31 -15.08
CA GLY B 72 -18.37 3.93 -15.95
C GLY B 72 -19.35 2.87 -16.42
N ARG B 73 -18.84 1.73 -16.88
CA ARG B 73 -19.67 0.62 -17.36
C ARG B 73 -20.63 0.16 -16.28
N PHE B 74 -20.11 -0.14 -15.09
CA PHE B 74 -20.96 -0.61 -14.01
C PHE B 74 -22.04 0.40 -13.61
N LEU B 75 -21.75 1.69 -13.67
CA LEU B 75 -22.76 2.69 -13.33
C LEU B 75 -23.82 2.66 -14.43
N GLN B 76 -23.37 2.60 -15.68
CA GLN B 76 -24.28 2.54 -16.82
C GLN B 76 -25.23 1.37 -16.63
N ALA B 77 -24.70 0.27 -16.11
CA ALA B 77 -25.50 -0.91 -15.87
C ALA B 77 -26.60 -0.50 -14.90
N TYR B 78 -26.21 0.08 -13.78
CA TYR B 78 -27.13 0.51 -12.74
C TYR B 78 -28.18 1.50 -13.23
N LEU B 79 -27.74 2.58 -13.86
CA LEU B 79 -28.64 3.59 -14.39
C LEU B 79 -29.69 2.91 -15.27
N GLN B 80 -29.23 2.05 -16.19
CA GLN B 80 -30.10 1.34 -17.11
C GLN B 80 -31.14 0.46 -16.42
N SER B 81 -30.71 -0.42 -15.51
CA SER B 81 -31.65 -1.29 -14.80
C SER B 81 -32.66 -0.41 -14.08
N PHE B 82 -32.15 0.56 -13.32
CA PHE B 82 -32.96 1.50 -12.56
C PHE B 82 -34.07 2.06 -13.44
N ALA B 83 -33.70 2.56 -14.61
CA ALA B 83 -34.68 3.11 -15.55
C ALA B 83 -35.39 2.05 -16.39
N GLU B 84 -35.01 0.78 -16.21
CA GLU B 84 -35.62 -0.32 -16.95
C GLU B 84 -35.53 -0.11 -18.45
N VAL B 85 -34.34 0.23 -18.93
CA VAL B 85 -34.13 0.44 -20.35
C VAL B 85 -33.08 -0.55 -20.86
N THR B 86 -33.54 -1.49 -21.67
CA THR B 86 -32.71 -2.53 -22.25
C THR B 86 -32.46 -2.24 -23.72
N TYR B 87 -31.52 -2.97 -24.31
CA TYR B 87 -31.16 -2.79 -25.71
C TYR B 87 -30.89 -4.15 -26.34
N LYS B 88 -31.40 -4.36 -27.54
CA LYS B 88 -31.27 -5.63 -28.25
C LYS B 88 -29.91 -6.32 -28.22
N HIS B 89 -28.84 -5.57 -28.45
CA HIS B 89 -27.51 -6.17 -28.44
C HIS B 89 -26.53 -5.28 -27.70
N HIS B 90 -26.54 -5.39 -26.37
CA HIS B 90 -25.66 -4.60 -25.54
C HIS B 90 -25.67 -5.15 -24.12
N GLU B 91 -24.53 -5.04 -23.45
CA GLU B 91 -24.38 -5.47 -22.08
C GLU B 91 -23.55 -4.33 -21.50
N PRO B 92 -24.15 -3.54 -20.60
CA PRO B 92 -23.49 -2.39 -19.95
C PRO B 92 -22.17 -2.67 -19.23
N THR B 93 -22.09 -3.83 -18.59
CA THR B 93 -20.89 -4.21 -17.84
C THR B 93 -19.69 -4.54 -18.72
N GLY B 94 -19.93 -5.22 -19.83
CA GLY B 94 -18.84 -5.61 -20.70
C GLY B 94 -18.03 -6.70 -20.03
N CYS B 95 -18.64 -7.41 -19.07
CA CYS B 95 -17.97 -8.49 -18.34
C CYS B 95 -18.80 -9.77 -18.25
N ALA B 96 -18.19 -10.85 -17.78
CA ALA B 96 -18.86 -12.14 -17.64
C ALA B 96 -18.31 -12.88 -16.40
N LEU B 97 -19.13 -13.77 -15.84
CA LEU B 97 -18.77 -14.54 -14.64
C LEU B 97 -18.25 -15.93 -14.96
N TRP B 98 -16.97 -16.03 -15.28
CA TRP B 98 -16.37 -17.31 -15.62
C TRP B 98 -16.14 -18.19 -14.40
N LEU B 99 -16.76 -19.37 -14.37
CA LEU B 99 -16.53 -20.27 -13.23
C LEU B 99 -15.26 -21.02 -13.59
N HIS B 100 -14.14 -20.47 -13.15
CA HIS B 100 -12.85 -21.09 -13.40
C HIS B 100 -12.68 -22.27 -12.42
N ARG B 101 -12.19 -23.40 -12.91
CA ARG B 101 -11.94 -24.53 -12.02
C ARG B 101 -10.44 -24.62 -11.77
N CYS B 102 -9.73 -23.54 -12.07
CA CYS B 102 -8.28 -23.49 -11.90
C CYS B 102 -7.76 -23.38 -10.47
N ALA B 103 -8.66 -23.28 -9.49
CA ALA B 103 -8.22 -23.13 -8.10
C ALA B 103 -8.65 -24.31 -7.24
N GLU B 104 -9.43 -25.20 -7.83
CA GLU B 104 -9.97 -26.34 -7.12
C GLU B 104 -8.99 -27.50 -6.95
N ILE B 105 -8.69 -28.23 -8.01
CA ILE B 105 -7.76 -29.35 -7.89
C ILE B 105 -6.30 -28.93 -7.96
N GLU B 106 -5.57 -29.26 -6.90
CA GLU B 106 -4.15 -28.92 -6.79
C GLU B 106 -3.37 -29.20 -8.06
N GLY B 107 -2.73 -28.17 -8.60
CA GLY B 107 -1.94 -28.33 -9.81
C GLY B 107 -2.73 -28.43 -11.09
N GLU B 108 -4.02 -28.09 -11.05
CA GLU B 108 -4.85 -28.18 -12.23
C GLU B 108 -5.43 -26.84 -12.70
N LEU B 109 -5.23 -26.54 -13.98
CA LEU B 109 -5.73 -25.31 -14.61
C LEU B 109 -6.61 -25.74 -15.78
N LYS B 110 -7.62 -24.94 -16.10
CA LYS B 110 -8.54 -25.24 -17.20
C LYS B 110 -8.86 -24.00 -18.01
N CYS B 111 -8.87 -24.15 -19.33
CA CYS B 111 -9.17 -23.03 -20.21
C CYS B 111 -10.67 -22.73 -20.27
N LEU B 112 -11.02 -21.76 -21.11
CA LEU B 112 -12.40 -21.34 -21.31
C LEU B 112 -13.31 -22.47 -21.83
N HIS B 113 -12.71 -23.40 -22.58
CA HIS B 113 -13.45 -24.52 -23.14
C HIS B 113 -13.98 -25.42 -22.06
N GLY B 114 -13.30 -25.44 -20.93
CA GLY B 114 -13.70 -26.30 -19.85
C GLY B 114 -12.86 -27.56 -19.94
N SER B 115 -11.75 -27.46 -20.66
CA SER B 115 -10.83 -28.58 -20.83
C SER B 115 -9.57 -28.30 -20.04
N ILE B 116 -9.06 -29.33 -19.34
CA ILE B 116 -7.82 -29.19 -18.60
C ILE B 116 -6.80 -28.65 -19.59
N MET B 117 -5.81 -27.91 -19.11
CA MET B 117 -4.80 -27.37 -20.01
C MET B 117 -3.60 -28.30 -19.98
N ILE B 118 -3.06 -28.61 -21.15
CA ILE B 118 -1.94 -29.53 -21.24
C ILE B 118 -0.57 -28.92 -21.58
N ASN B 119 0.48 -29.72 -21.36
CA ASN B 119 1.84 -29.29 -21.65
C ASN B 119 2.17 -29.80 -23.05
N ASP B 162 5.82 -27.75 -17.46
CA ASP B 162 6.31 -26.36 -17.63
C ASP B 162 5.15 -25.44 -17.98
N ALA B 163 4.89 -25.29 -19.27
CA ALA B 163 3.80 -24.45 -19.76
C ALA B 163 2.55 -25.29 -19.93
N ARG B 164 1.41 -24.62 -19.96
CA ARG B 164 0.11 -25.27 -20.13
C ARG B 164 -0.71 -24.50 -21.16
N CYS B 165 -1.31 -25.22 -22.10
CA CYS B 165 -2.08 -24.60 -23.14
C CYS B 165 -3.42 -25.29 -23.38
N CYS B 166 -4.24 -24.64 -24.19
CA CYS B 166 -5.55 -25.15 -24.56
C CYS B 166 -5.32 -26.50 -25.24
N VAL B 167 -6.26 -27.42 -25.07
CA VAL B 167 -6.11 -28.75 -25.67
C VAL B 167 -5.89 -28.67 -27.18
N HIS B 168 -6.57 -27.72 -27.83
CA HIS B 168 -6.44 -27.54 -29.27
C HIS B 168 -5.16 -26.79 -29.63
N ASP B 169 -4.13 -26.95 -28.81
CA ASP B 169 -2.84 -26.29 -29.04
C ASP B 169 -1.69 -27.18 -28.59
N ALA B 170 -1.88 -28.49 -28.72
CA ALA B 170 -0.85 -29.45 -28.34
C ALA B 170 0.34 -29.40 -29.29
N PHE B 177 -1.97 -20.41 -32.49
CA PHE B 177 -3.24 -21.02 -31.98
C PHE B 177 -3.99 -21.57 -33.16
N SER B 178 -4.82 -22.57 -32.92
CA SER B 178 -5.64 -23.17 -33.96
C SER B 178 -6.98 -22.43 -33.91
N GLY B 179 -7.63 -22.30 -35.06
CA GLY B 179 -8.90 -21.61 -35.11
C GLY B 179 -9.95 -22.12 -34.13
N LYS B 180 -9.72 -23.27 -33.50
CA LYS B 180 -10.68 -23.79 -32.53
C LYS B 180 -10.24 -23.57 -31.08
N SER B 181 -9.23 -22.74 -30.91
CA SER B 181 -8.71 -22.44 -29.59
C SER B 181 -9.47 -21.28 -28.97
N CYS B 182 -9.26 -21.08 -27.67
CA CYS B 182 -9.91 -20.00 -26.92
C CYS B 182 -8.87 -18.91 -26.66
N GLY B 183 -7.62 -19.18 -27.03
CA GLY B 183 -6.56 -18.22 -26.83
C GLY B 183 -5.75 -18.43 -25.55
N MET B 184 -6.35 -19.07 -24.55
CA MET B 184 -5.66 -19.29 -23.29
C MET B 184 -4.38 -20.11 -23.35
N PHE B 185 -3.34 -19.59 -22.70
CA PHE B 185 -2.03 -20.23 -22.61
C PHE B 185 -1.33 -19.69 -21.37
N PHE B 186 -0.51 -20.52 -20.73
CA PHE B 186 0.24 -20.12 -19.54
C PHE B 186 1.63 -20.72 -19.63
N SER B 187 2.65 -19.88 -19.72
CA SER B 187 4.03 -20.35 -19.80
C SER B 187 4.49 -21.14 -18.56
N GLU B 188 3.81 -20.94 -17.44
CA GLU B 188 4.14 -21.64 -16.21
C GLU B 188 2.84 -22.02 -15.50
N GLY B 189 2.68 -23.30 -15.19
CA GLY B 189 1.46 -23.76 -14.54
C GLY B 189 1.30 -23.18 -13.16
N ALA B 190 2.26 -23.48 -12.28
CA ALA B 190 2.23 -23.00 -10.90
C ALA B 190 2.07 -21.49 -10.87
N LYS B 191 2.91 -20.79 -11.63
CA LYS B 191 2.83 -19.33 -11.70
C LYS B 191 1.38 -18.90 -11.94
N ALA B 192 0.75 -19.57 -12.90
CA ALA B 192 -0.64 -19.27 -13.26
C ALA B 192 -1.61 -19.59 -12.13
N GLN B 193 -1.61 -20.84 -11.65
CA GLN B 193 -2.53 -21.23 -10.59
C GLN B 193 -2.40 -20.35 -9.33
N VAL B 194 -1.18 -19.90 -9.04
CA VAL B 194 -0.94 -19.06 -7.87
C VAL B 194 -1.81 -17.81 -7.95
N ALA B 195 -2.00 -17.34 -9.17
CA ALA B 195 -2.82 -16.15 -9.43
C ALA B 195 -4.31 -16.46 -9.20
N PHE B 196 -4.77 -17.58 -9.74
CA PHE B 196 -6.17 -18.00 -9.63
C PHE B 196 -6.55 -18.28 -8.18
N LYS B 197 -5.58 -18.72 -7.39
CA LYS B 197 -5.83 -19.00 -5.99
C LYS B 197 -6.10 -17.70 -5.26
N GLN B 198 -5.24 -16.71 -5.48
CA GLN B 198 -5.36 -15.40 -4.83
C GLN B 198 -6.73 -14.76 -5.03
N ILE B 199 -7.21 -14.75 -6.27
CA ILE B 199 -8.49 -14.12 -6.56
C ILE B 199 -9.62 -14.76 -5.76
N LYS B 200 -9.59 -16.08 -5.64
CA LYS B 200 -10.61 -16.79 -4.87
C LYS B 200 -10.50 -16.33 -3.43
N ALA B 201 -9.26 -16.16 -2.97
CA ALA B 201 -8.96 -15.73 -1.60
C ALA B 201 -9.49 -14.33 -1.30
N PHE B 202 -9.23 -13.40 -2.21
CA PHE B 202 -9.66 -12.03 -2.07
C PHE B 202 -11.17 -12.03 -1.93
N MET B 203 -11.85 -12.71 -2.84
CA MET B 203 -13.31 -12.76 -2.86
C MET B 203 -13.94 -13.37 -1.64
N GLN B 204 -13.34 -14.43 -1.13
CA GLN B 204 -13.84 -15.08 0.08
C GLN B 204 -13.77 -14.06 1.20
N ALA B 205 -12.66 -13.32 1.25
CA ALA B 205 -12.43 -12.28 2.26
C ALA B 205 -13.49 -11.18 2.21
N LEU B 206 -13.61 -10.55 1.04
CA LEU B 206 -14.58 -9.49 0.84
C LEU B 206 -16.03 -9.99 1.02
N TYR B 207 -16.26 -11.28 0.82
CA TYR B 207 -17.60 -11.87 0.96
C TYR B 207 -17.52 -13.15 1.78
N PRO B 208 -17.30 -13.04 3.10
CA PRO B 208 -17.19 -14.18 4.01
C PRO B 208 -18.45 -15.02 4.14
N ASN B 209 -19.61 -14.38 4.08
CA ASN B 209 -20.88 -15.10 4.21
C ASN B 209 -21.47 -15.48 2.85
N ALA B 210 -20.73 -15.16 1.78
CA ALA B 210 -21.17 -15.45 0.42
C ALA B 210 -21.55 -16.91 0.25
N GLN B 211 -22.83 -17.13 -0.05
CA GLN B 211 -23.37 -18.45 -0.25
C GLN B 211 -22.98 -19.02 -1.62
N THR B 212 -22.63 -18.13 -2.54
CA THR B 212 -22.25 -18.57 -3.89
C THR B 212 -21.40 -17.52 -4.57
N GLY B 213 -20.35 -17.95 -5.28
CA GLY B 213 -19.52 -17.00 -5.99
C GLY B 213 -18.01 -16.95 -5.82
N HIS B 214 -17.43 -17.82 -4.99
CA HIS B 214 -15.98 -17.79 -4.78
C HIS B 214 -15.21 -18.47 -5.93
N GLY B 215 -15.92 -19.29 -6.70
CA GLY B 215 -15.29 -20.00 -7.81
C GLY B 215 -15.42 -19.24 -9.12
N HIS B 216 -16.28 -18.23 -9.12
CA HIS B 216 -16.49 -17.42 -10.32
C HIS B 216 -15.39 -16.37 -10.43
N LEU B 217 -15.36 -15.68 -11.54
CA LEU B 217 -14.38 -14.62 -11.79
C LEU B 217 -15.04 -13.54 -12.61
N LEU B 218 -14.95 -12.31 -12.13
CA LEU B 218 -15.50 -11.16 -12.82
C LEU B 218 -14.45 -10.92 -13.89
N MET B 219 -14.74 -11.26 -15.13
CA MET B 219 -13.77 -11.08 -16.20
C MET B 219 -14.35 -10.18 -17.29
N PRO B 220 -13.53 -9.34 -17.92
CA PRO B 220 -14.10 -8.50 -18.95
C PRO B 220 -14.17 -9.28 -20.26
N LEU B 221 -15.11 -8.92 -21.13
CA LEU B 221 -15.24 -9.58 -22.41
C LEU B 221 -14.70 -8.72 -23.56
N ARG B 222 -14.65 -7.41 -23.36
CA ARG B 222 -14.13 -6.53 -24.42
C ARG B 222 -13.21 -5.44 -23.91
N CYS B 223 -12.33 -4.96 -24.79
CA CYS B 223 -11.42 -3.88 -24.45
C CYS B 223 -11.82 -2.72 -25.37
N GLU B 224 -11.00 -1.67 -25.43
CA GLU B 224 -11.34 -0.54 -26.29
C GLU B 224 -11.11 -0.86 -27.77
N CYS B 225 -11.16 -2.15 -28.12
CA CYS B 225 -10.95 -2.58 -29.50
C CYS B 225 -12.24 -3.14 -30.11
N ASN B 226 -13.03 -3.82 -29.29
CA ASN B 226 -14.26 -4.44 -29.77
C ASN B 226 -15.48 -3.94 -29.02
N SER B 227 -15.52 -2.63 -28.77
CA SER B 227 -16.63 -2.01 -28.06
C SER B 227 -17.24 -0.84 -28.83
N PRO B 233 -15.82 -8.35 -37.56
CA PRO B 233 -15.03 -8.92 -36.45
C PRO B 233 -13.59 -8.43 -36.66
N PHE B 234 -12.63 -9.12 -36.06
CA PHE B 234 -11.22 -8.77 -36.17
C PHE B 234 -10.49 -10.05 -35.86
N LEU B 235 -9.24 -10.14 -36.28
CA LEU B 235 -8.45 -11.37 -36.07
C LEU B 235 -7.78 -11.47 -34.72
N GLY B 236 -7.58 -12.71 -34.28
CA GLY B 236 -6.91 -12.95 -33.02
C GLY B 236 -7.84 -13.43 -31.92
N ARG B 237 -7.42 -13.20 -30.68
CA ARG B 237 -8.17 -13.58 -29.50
C ARG B 237 -9.46 -12.75 -29.46
N GLN B 238 -10.60 -13.41 -29.29
CA GLN B 238 -11.86 -12.68 -29.27
C GLN B 238 -12.27 -12.14 -27.89
N LEU B 239 -11.30 -11.82 -27.04
CA LEU B 239 -11.53 -11.27 -25.70
C LEU B 239 -10.19 -10.89 -25.01
N PRO B 240 -10.27 -10.10 -23.91
CA PRO B 240 -9.06 -9.69 -23.18
C PRO B 240 -8.09 -10.81 -22.82
N LYS B 241 -6.79 -10.50 -22.85
CA LYS B 241 -5.78 -11.50 -22.53
C LYS B 241 -5.53 -11.59 -21.03
N LEU B 242 -5.70 -12.79 -20.49
CA LEU B 242 -5.50 -13.06 -19.07
C LEU B 242 -4.04 -13.48 -18.89
N THR B 243 -3.25 -12.69 -18.18
CA THR B 243 -1.85 -13.02 -17.97
C THR B 243 -1.42 -12.90 -16.50
N PRO B 244 -0.92 -14.00 -15.92
CA PRO B 244 -0.47 -14.06 -14.52
C PRO B 244 0.79 -13.21 -14.25
N PHE B 245 0.69 -12.35 -13.25
CA PHE B 245 1.77 -11.45 -12.84
C PHE B 245 2.08 -11.74 -11.35
N ALA B 246 3.33 -12.09 -11.05
CA ALA B 246 3.72 -12.41 -9.67
C ALA B 246 4.00 -11.19 -8.79
N LEU B 247 3.55 -11.27 -7.53
CA LEU B 247 3.73 -10.19 -6.57
C LEU B 247 5.06 -10.34 -5.81
N SER B 248 6.07 -9.65 -6.34
CA SER B 248 7.43 -9.65 -5.84
C SER B 248 7.65 -9.45 -4.35
N ASN B 249 7.17 -8.33 -3.79
CA ASN B 249 7.39 -8.05 -2.37
C ASN B 249 6.65 -8.97 -1.39
N ALA B 250 5.50 -9.49 -1.82
CA ALA B 250 4.71 -10.37 -0.97
C ALA B 250 5.38 -11.72 -0.69
N GLU B 251 6.23 -12.17 -1.61
CA GLU B 251 6.92 -13.44 -1.50
C GLU B 251 7.45 -13.79 -0.11
N ASP B 252 8.11 -12.84 0.53
CA ASP B 252 8.65 -13.07 1.87
C ASP B 252 8.13 -12.02 2.84
N LEU B 253 6.84 -12.11 3.15
CA LEU B 253 6.18 -11.16 4.05
C LEU B 253 5.44 -11.98 5.10
N ASP B 254 5.68 -11.70 6.38
CA ASP B 254 5.05 -12.45 7.47
C ASP B 254 3.53 -12.43 7.34
N ALA B 255 2.96 -13.61 7.19
CA ALA B 255 1.51 -13.77 7.03
C ALA B 255 0.73 -13.55 8.33
N ASP B 256 1.41 -13.04 9.35
CA ASP B 256 0.79 -12.73 10.64
C ASP B 256 1.10 -11.25 10.86
N LEU B 257 0.70 -10.45 9.87
CA LEU B 257 0.94 -9.02 9.88
C LEU B 257 -0.17 -8.22 10.53
N ILE B 258 -1.38 -8.33 9.99
CA ILE B 258 -2.51 -7.60 10.52
C ILE B 258 -3.79 -8.34 10.17
N SER B 259 -4.91 -7.85 10.67
CA SER B 259 -6.21 -8.48 10.45
C SER B 259 -6.90 -8.31 9.10
N ASP B 260 -6.20 -7.77 8.10
CA ASP B 260 -6.84 -7.59 6.79
C ASP B 260 -6.59 -8.83 5.94
N LYS B 261 -7.64 -9.64 5.78
CA LYS B 261 -7.53 -10.87 5.03
C LYS B 261 -7.32 -10.74 3.52
N SER B 262 -7.92 -9.73 2.88
CA SER B 262 -7.74 -9.57 1.45
C SER B 262 -6.28 -9.40 1.10
N VAL B 263 -5.53 -8.70 1.97
CA VAL B 263 -4.10 -8.48 1.76
C VAL B 263 -3.41 -9.81 2.00
N LEU B 264 -3.93 -10.56 2.96
CA LEU B 264 -3.39 -11.86 3.27
C LEU B 264 -3.48 -12.77 2.06
N ALA B 265 -4.47 -12.51 1.20
CA ALA B 265 -4.67 -13.30 -0.03
C ALA B 265 -3.47 -13.12 -0.94
N SER B 266 -3.13 -11.86 -1.19
CA SER B 266 -1.98 -11.53 -2.02
C SER B 266 -0.71 -12.04 -1.32
N VAL B 267 -0.76 -12.13 -0.01
CA VAL B 267 0.40 -12.59 0.76
C VAL B 267 0.54 -14.11 0.62
N HIS B 268 -0.57 -14.82 0.78
CA HIS B 268 -0.56 -16.28 0.69
C HIS B 268 -0.31 -16.76 -0.74
N HIS B 269 -0.70 -15.93 -1.71
CA HIS B 269 -0.55 -16.25 -3.12
C HIS B 269 -0.02 -15.02 -3.84
N PRO B 270 1.28 -14.75 -3.72
CA PRO B 270 1.94 -13.60 -4.35
C PRO B 270 1.98 -13.61 -5.87
N ALA B 271 0.85 -13.26 -6.49
CA ALA B 271 0.72 -13.20 -7.96
C ALA B 271 -0.74 -12.98 -8.30
N LEU B 272 -1.04 -12.03 -9.17
CA LEU B 272 -2.42 -11.79 -9.54
C LEU B 272 -2.76 -11.64 -11.02
N ILE B 273 -3.95 -12.12 -11.36
CA ILE B 273 -4.48 -12.08 -12.72
C ILE B 273 -4.66 -10.66 -13.26
N VAL B 274 -4.03 -10.37 -14.40
CA VAL B 274 -4.17 -9.06 -15.03
C VAL B 274 -4.81 -9.26 -16.40
N PHE B 275 -5.90 -8.55 -16.65
CA PHE B 275 -6.60 -8.63 -17.92
C PHE B 275 -6.08 -7.52 -18.80
N GLN B 276 -5.89 -7.80 -20.08
CA GLN B 276 -5.37 -6.83 -21.04
C GLN B 276 -6.09 -6.90 -22.38
N CYS B 277 -5.56 -6.19 -23.36
CA CYS B 277 -6.13 -6.15 -24.70
C CYS B 277 -6.34 -7.56 -25.24
N CYS B 278 -7.38 -7.75 -26.05
CA CYS B 278 -7.68 -9.06 -26.65
C CYS B 278 -6.41 -9.58 -27.29
N ASN B 279 -5.63 -8.67 -27.86
CA ASN B 279 -4.38 -9.03 -28.53
C ASN B 279 -3.42 -7.88 -28.22
N PRO B 280 -2.64 -8.02 -27.14
CA PRO B 280 -1.68 -6.98 -26.75
C PRO B 280 -0.56 -6.84 -27.78
N PRO B 292 -5.26 -3.78 -34.67
CA PRO B 292 -5.74 -2.80 -33.66
C PRO B 292 -5.62 -3.39 -32.25
N ASN B 293 -4.94 -2.68 -31.37
CA ASN B 293 -4.74 -3.12 -29.99
C ASN B 293 -4.82 -1.89 -29.09
N CYS B 294 -5.21 -2.08 -27.84
CA CYS B 294 -5.34 -0.98 -26.90
C CYS B 294 -4.60 -1.22 -25.61
N ASP B 295 -4.49 -0.17 -24.78
CA ASP B 295 -3.80 -0.26 -23.51
C ASP B 295 -4.66 -0.72 -22.32
N PHE B 296 -5.65 -1.55 -22.61
CA PHE B 296 -6.55 -2.07 -21.58
C PHE B 296 -5.75 -2.87 -20.56
N LYS B 297 -5.72 -2.40 -19.32
CA LYS B 297 -4.98 -3.11 -18.29
C LYS B 297 -5.72 -3.01 -16.96
N ILE B 298 -6.06 -4.15 -16.37
CA ILE B 298 -6.75 -4.18 -15.08
C ILE B 298 -6.63 -5.53 -14.37
N SER B 299 -6.21 -5.50 -13.11
CA SER B 299 -6.04 -6.72 -12.33
C SER B 299 -7.37 -7.22 -11.77
N ALA B 300 -7.46 -8.52 -11.57
CA ALA B 300 -8.68 -9.15 -11.07
C ALA B 300 -9.32 -8.47 -9.86
N PRO B 301 -8.54 -8.22 -8.78
CA PRO B 301 -9.09 -7.57 -7.57
C PRO B 301 -9.56 -6.13 -7.81
N ASP B 302 -8.83 -5.39 -8.64
CA ASP B 302 -9.21 -4.01 -8.93
C ASP B 302 -10.53 -3.93 -9.72
N LEU B 303 -10.76 -4.91 -10.59
CA LEU B 303 -11.98 -4.99 -11.40
C LEU B 303 -13.16 -5.29 -10.48
N LEU B 304 -12.92 -6.10 -9.46
CA LEU B 304 -13.95 -6.45 -8.50
C LEU B 304 -14.24 -5.18 -7.72
N ASN B 305 -13.17 -4.42 -7.41
CA ASN B 305 -13.34 -3.17 -6.67
C ASN B 305 -14.01 -2.09 -7.50
N ALA B 306 -13.84 -2.16 -8.81
CA ALA B 306 -14.46 -1.20 -9.69
C ALA B 306 -15.96 -1.35 -9.42
N LEU B 307 -16.45 -2.57 -9.51
CA LEU B 307 -17.85 -2.88 -9.27
C LEU B 307 -18.29 -2.44 -7.88
N VAL B 308 -17.57 -2.90 -6.85
CA VAL B 308 -17.86 -2.58 -5.45
C VAL B 308 -17.99 -1.08 -5.20
N MET B 309 -16.99 -0.31 -5.63
CA MET B 309 -17.01 1.13 -5.45
C MET B 309 -18.16 1.83 -6.16
N VAL B 310 -18.61 1.28 -7.29
CA VAL B 310 -19.72 1.89 -8.01
C VAL B 310 -20.96 1.69 -7.14
N ARG B 311 -21.06 0.50 -6.54
CA ARG B 311 -22.18 0.20 -5.67
C ARG B 311 -22.20 1.22 -4.54
N SER B 312 -21.01 1.61 -4.09
CA SER B 312 -20.89 2.62 -3.03
C SER B 312 -21.47 3.94 -3.55
N LEU B 313 -20.88 4.44 -4.63
CA LEU B 313 -21.32 5.68 -5.26
C LEU B 313 -22.84 5.71 -5.38
N TRP B 314 -23.41 4.66 -5.95
CA TRP B 314 -24.85 4.58 -6.15
C TRP B 314 -25.64 4.54 -4.86
N SER B 315 -25.30 3.59 -3.99
CA SER B 315 -26.00 3.43 -2.72
C SER B 315 -26.01 4.69 -1.87
N GLU B 316 -25.11 5.62 -2.17
CA GLU B 316 -25.06 6.88 -1.46
C GLU B 316 -26.25 7.71 -1.97
N ASN B 317 -26.22 8.08 -3.24
CA ASN B 317 -27.29 8.91 -3.82
C ASN B 317 -28.72 8.36 -3.88
N PHE B 318 -28.89 7.04 -3.95
CA PHE B 318 -30.22 6.45 -4.05
C PHE B 318 -30.54 5.42 -2.97
N THR B 319 -29.66 5.28 -1.99
CA THR B 319 -29.88 4.34 -0.88
C THR B 319 -29.98 2.86 -1.26
N GLU B 320 -31.09 2.44 -1.89
CA GLU B 320 -31.29 1.05 -2.30
C GLU B 320 -30.68 0.77 -3.67
N LEU B 321 -29.85 -0.27 -3.76
CA LEU B 321 -29.22 -0.63 -5.03
C LEU B 321 -30.13 -1.54 -5.86
N PRO B 322 -30.26 -1.27 -7.16
CA PRO B 322 -31.10 -2.05 -8.07
C PRO B 322 -30.58 -3.47 -8.36
N ARG B 323 -31.12 -4.08 -9.40
CA ARG B 323 -30.72 -5.42 -9.81
C ARG B 323 -29.88 -5.28 -11.09
N MET B 324 -28.83 -6.09 -11.19
CA MET B 324 -27.94 -6.04 -12.33
C MET B 324 -27.08 -7.30 -12.35
N VAL B 325 -27.45 -8.24 -13.23
CA VAL B 325 -26.74 -9.51 -13.37
C VAL B 325 -25.70 -9.51 -14.49
N VAL B 326 -24.44 -9.77 -14.11
CA VAL B 326 -23.36 -9.84 -15.08
C VAL B 326 -23.49 -11.23 -15.67
N PRO B 327 -23.62 -11.32 -17.00
CA PRO B 327 -23.76 -12.60 -17.72
C PRO B 327 -22.78 -13.70 -17.36
N GLU B 328 -23.26 -14.93 -17.31
CA GLU B 328 -22.38 -16.06 -17.00
C GLU B 328 -21.80 -16.65 -18.28
N PHE B 329 -20.50 -16.95 -18.26
CA PHE B 329 -19.80 -17.49 -19.41
C PHE B 329 -20.26 -18.87 -19.85
N LYS B 330 -20.61 -18.98 -21.14
CA LYS B 330 -21.04 -20.23 -21.75
C LYS B 330 -20.17 -20.35 -23.00
N TRP B 331 -19.22 -21.28 -23.01
CA TRP B 331 -18.34 -21.42 -24.18
C TRP B 331 -19.11 -21.61 -25.47
N SER B 332 -18.76 -20.80 -26.46
CA SER B 332 -19.39 -20.84 -27.78
C SER B 332 -18.44 -20.29 -28.84
N THR B 333 -18.51 -20.88 -30.02
CA THR B 333 -17.69 -20.53 -31.17
C THR B 333 -17.24 -19.08 -31.33
N LYS B 334 -18.12 -18.12 -31.00
CA LYS B 334 -17.80 -16.69 -31.10
C LYS B 334 -16.58 -16.24 -30.26
N HIS B 335 -15.96 -17.18 -29.56
CA HIS B 335 -14.78 -16.89 -28.75
C HIS B 335 -13.56 -17.70 -29.23
N GLN B 336 -13.72 -18.44 -30.32
CA GLN B 336 -12.64 -19.23 -30.89
C GLN B 336 -11.63 -18.29 -31.54
N TYR B 337 -10.36 -18.65 -31.52
CA TYR B 337 -9.30 -17.82 -32.08
C TYR B 337 -9.58 -17.64 -33.57
N ARG B 338 -9.75 -16.40 -34.02
CA ARG B 338 -10.02 -16.15 -35.44
C ARG B 338 -8.76 -16.06 -36.29
N ASN B 339 -8.58 -17.10 -37.12
CA ASN B 339 -7.41 -17.23 -38.03
C ASN B 339 -7.60 -16.75 -39.47
N VAL B 340 -8.83 -16.58 -39.92
CA VAL B 340 -9.08 -16.12 -41.29
C VAL B 340 -10.12 -15.01 -41.36
N SER B 341 -9.74 -13.93 -42.06
CA SER B 341 -10.60 -12.77 -42.22
C SER B 341 -11.81 -12.95 -43.14
N LEU B 342 -12.78 -12.06 -43.00
CA LEU B 342 -13.98 -12.05 -43.83
C LEU B 342 -13.91 -10.71 -44.57
N PRO B 343 -13.88 -10.74 -45.92
CA PRO B 343 -13.81 -9.53 -46.74
C PRO B 343 -14.79 -8.42 -46.37
N VAL B 344 -14.31 -7.16 -46.38
CA VAL B 344 -15.14 -5.99 -46.08
C VAL B 344 -15.07 -5.04 -47.28
N ALA B 345 -16.23 -4.63 -47.77
CA ALA B 345 -16.29 -3.76 -48.93
C ALA B 345 -15.87 -2.30 -48.70
N HIS B 346 -14.97 -1.80 -49.53
CA HIS B 346 -14.52 -0.40 -49.44
C HIS B 346 -15.59 0.49 -50.08
N SER B 347 -15.93 1.58 -49.42
CA SER B 347 -16.95 2.51 -49.91
C SER B 347 -16.63 3.04 -51.31
N ASP B 348 -17.61 2.98 -52.20
CA ASP B 348 -17.47 3.48 -53.58
C ASP B 348 -18.65 4.40 -53.85
N ALA B 349 -18.35 5.64 -54.22
CA ALA B 349 -19.38 6.64 -54.51
C ALA B 349 -19.89 6.51 -55.93
N ARG B 350 -20.38 5.33 -56.27
CA ARG B 350 -20.91 5.07 -57.60
C ARG B 350 -22.16 4.25 -57.42
N GLN B 351 -23.15 4.49 -58.27
CA GLN B 351 -24.41 3.75 -58.20
C GLN B 351 -24.20 2.38 -58.82
N ASN B 352 -23.50 2.37 -59.95
CA ASN B 352 -23.22 1.16 -60.70
C ASN B 352 -21.74 0.81 -60.60
N PRO B 353 -21.42 -0.49 -60.42
CA PRO B 353 -20.04 -0.95 -60.30
C PRO B 353 -19.18 -0.91 -61.56
N PHE B 354 -19.77 -1.12 -62.74
CA PHE B 354 -18.97 -1.13 -63.97
C PHE B 354 -19.43 -0.13 -65.01
N ASP B 355 -18.61 0.03 -66.04
CA ASP B 355 -18.93 0.93 -67.15
C ASP B 355 -18.77 0.12 -68.44
N PHE B 356 -19.85 0.08 -69.20
CA PHE B 356 -19.91 -0.67 -70.44
C PHE B 356 -19.93 0.31 -71.61
ZN ZN C . 21.16 2.62 0.42
ZN ZN D . 4.30 7.99 10.07
ZN ZN E . -9.40 -23.56 -24.73
ZN ZN F . -7.81 -3.83 -27.02
#